data_3F5A
#
_entry.id   3F5A
#
_cell.length_a   66.226
_cell.length_b   66.226
_cell.length_c   172.188
_cell.angle_alpha   90.00
_cell.angle_beta   90.00
_cell.angle_gamma   90.00
#
_symmetry.space_group_name_H-M   'P 43 21 2'
#
loop_
_entity.id
_entity.type
_entity.pdbx_description
1 polymer 'Micronemal protein 1'
2 branched 'N-acetyl-alpha-neuraminic acid-(2-3)-beta-D-galactopyranose-(1-3)-2-acetamido-2-deoxy-beta-D-glucopyranose'
3 non-polymer 'CHLORIDE ION'
4 non-polymer 'ACETATE ION'
5 non-polymer GLYCEROL
6 water water
#
_entity_poly.entity_id   1
_entity_poly.type   'polypeptide(L)'
_entity_poly.pdbx_seq_one_letter_code
;VGPEAYGEASHSHSPASGRYIQQ(MSE)LDQRCQEIAAELCQSGLRK(MSE)CVPSSRIVARNAVGITHQNTLQWRCFDT
ASLLESNQENNGVNCVDDCGHTIPCPGGVHRQNSNHATRHEILSKLVEEGVQRFCSPYQASANKYCNDKFPGTIARRSKG
FGNNVEVAWRCYEKASLLYSVYAECASNCGTTWYCPGGRRGTSTELDKRHYTEEEGIRQAIGSVDSPCSEVEVCLPKDEN
PPLCLDESGQISRT
;
_entity_poly.pdbx_strand_id   A
#
# COMPACT_ATOMS: atom_id res chain seq x y z
N HIS A 13 19.95 5.74 -1.28
CA HIS A 13 18.81 4.82 -1.50
C HIS A 13 18.40 4.15 -0.20
N SER A 14 17.17 4.42 0.22
CA SER A 14 16.64 3.88 1.46
C SER A 14 16.08 2.47 1.25
N PRO A 15 16.13 1.64 2.31
CA PRO A 15 15.51 0.31 2.25
C PRO A 15 13.99 0.47 2.46
N ALA A 16 13.34 1.11 1.51
CA ALA A 16 11.94 1.49 1.66
C ALA A 16 11.19 1.36 0.32
N SER A 17 9.89 1.10 0.42
CA SER A 17 9.02 1.04 -0.73
C SER A 17 9.06 2.37 -1.46
N GLY A 18 9.14 2.33 -2.78
CA GLY A 18 9.05 3.58 -3.56
C GLY A 18 7.61 4.04 -3.78
N ARG A 19 6.65 3.24 -3.33
CA ARG A 19 5.21 3.53 -3.53
C ARG A 19 4.94 3.76 -5.03
N TYR A 20 5.52 2.88 -5.82
CA TYR A 20 5.47 2.99 -7.28
C TYR A 20 4.06 2.79 -7.85
N ILE A 21 3.29 1.88 -7.27
CA ILE A 21 1.90 1.69 -7.76
C ILE A 21 1.07 2.97 -7.58
N GLN A 22 1.10 3.53 -6.39
CA GLN A 22 0.41 4.79 -6.11
C GLN A 22 0.83 5.91 -7.07
N GLN A 23 2.14 6.03 -7.31
CA GLN A 23 2.65 7.02 -8.28
C GLN A 23 2.06 6.84 -9.67
N LEU A 25 -0.81 5.30 -10.43
CA LEU A 25 -2.24 5.60 -10.39
C LEU A 25 -2.50 7.09 -10.42
N ASP A 26 -1.70 7.87 -9.67
CA ASP A 26 -1.83 9.31 -9.65
C ASP A 26 -1.59 9.89 -11.06
N GLN A 27 -0.54 9.42 -11.73
CA GLN A 27 -0.20 9.87 -13.09
C GLN A 27 -1.32 9.52 -14.09
N ARG A 28 -1.89 8.31 -13.97
CA ARG A 28 -3.00 7.92 -14.84
C ARG A 28 -4.23 8.79 -14.57
N CYS A 29 -4.50 9.08 -13.30
CA CYS A 29 -5.60 9.99 -12.95
C CYS A 29 -5.42 11.41 -13.48
N GLN A 30 -4.17 11.90 -13.48
CA GLN A 30 -3.86 13.21 -14.07
C GLN A 30 -4.16 13.25 -15.57
N GLU A 31 -3.81 12.18 -16.27
CA GLU A 31 -4.17 12.04 -17.69
C GLU A 31 -5.68 11.96 -17.91
N ILE A 32 -6.37 11.17 -17.11
CA ILE A 32 -7.84 11.05 -17.20
C ILE A 32 -8.54 12.38 -16.93
N ALA A 33 -8.15 13.09 -15.86
CA ALA A 33 -8.69 14.43 -15.62
C ALA A 33 -8.47 15.35 -16.84
N ALA A 34 -7.27 15.30 -17.42
CA ALA A 34 -6.95 16.13 -18.59
C ALA A 34 -7.84 15.79 -19.79
N GLU A 35 -8.12 14.50 -19.98
CA GLU A 35 -9.00 14.06 -21.06
CA GLU A 35 -9.01 14.03 -21.05
C GLU A 35 -10.44 14.51 -20.84
N LEU A 36 -10.91 14.41 -19.59
CA LEU A 36 -12.26 14.86 -19.24
C LEU A 36 -12.40 16.36 -19.44
N CYS A 37 -11.37 17.11 -19.09
CA CYS A 37 -11.31 18.56 -19.37
C CYS A 37 -11.51 18.85 -20.87
N GLN A 38 -10.78 18.11 -21.70
CA GLN A 38 -10.90 18.25 -23.16
C GLN A 38 -12.28 17.85 -23.70
N SER A 39 -12.97 17.00 -22.96
CA SER A 39 -14.35 16.63 -23.28
C SER A 39 -15.36 17.70 -22.80
N GLY A 40 -14.87 18.69 -22.06
CA GLY A 40 -15.68 19.82 -21.63
C GLY A 40 -15.99 19.85 -20.14
N LEU A 41 -15.54 18.84 -19.40
CA LEU A 41 -15.84 18.74 -17.96
C LEU A 41 -14.98 19.74 -17.21
N ARG A 42 -15.50 20.96 -17.08
CA ARG A 42 -14.76 22.15 -16.59
C ARG A 42 -14.05 21.93 -15.27
N LYS A 43 -14.72 21.25 -14.33
CA LYS A 43 -14.16 21.02 -12.99
C LYS A 43 -12.92 20.12 -13.00
N CYS A 45 -10.47 20.58 -15.26
CA CYS A 45 -9.41 21.36 -15.92
C CYS A 45 -8.51 21.96 -14.84
N VAL A 46 -7.55 21.17 -14.39
CA VAL A 46 -6.72 21.52 -13.23
C VAL A 46 -5.25 21.17 -13.48
N PRO A 47 -4.31 21.79 -12.73
CA PRO A 47 -2.93 21.29 -12.80
C PRO A 47 -2.80 19.92 -12.15
N SER A 48 -1.75 19.19 -12.51
CA SER A 48 -1.51 17.83 -12.03
C SER A 48 -1.42 17.72 -10.52
N SER A 49 -0.92 18.76 -9.88
CA SER A 49 -0.83 18.79 -8.41
C SER A 49 -2.18 18.66 -7.68
N ARG A 50 -3.29 18.93 -8.39
CA ARG A 50 -4.64 18.81 -7.81
C ARG A 50 -5.27 17.40 -7.92
N ILE A 51 -4.60 16.47 -8.59
CA ILE A 51 -5.26 15.19 -8.89
C ILE A 51 -4.47 14.02 -8.34
N VAL A 52 -5.15 13.17 -7.58
CA VAL A 52 -4.58 11.90 -7.08
C VAL A 52 -5.58 10.77 -7.27
N ALA A 53 -5.09 9.53 -7.26
CA ALA A 53 -5.95 8.36 -7.22
C ALA A 53 -6.15 7.94 -5.76
N ARG A 54 -7.41 7.75 -5.35
CA ARG A 54 -7.73 7.21 -4.03
C ARG A 54 -8.77 6.14 -4.15
N ASN A 55 -8.70 5.16 -3.25
CA ASN A 55 -9.68 4.11 -3.19
C ASN A 55 -10.61 4.45 -2.03
N ALA A 56 -11.89 4.70 -2.33
CA ALA A 56 -12.80 5.31 -1.38
C ALA A 56 -14.23 5.24 -1.85
N VAL A 57 -15.16 5.59 -0.96
CA VAL A 57 -16.53 5.91 -1.35
C VAL A 57 -16.52 7.18 -2.21
N GLY A 58 -17.65 7.49 -2.82
CA GLY A 58 -17.79 8.69 -3.64
C GLY A 58 -18.83 9.61 -3.06
N ILE A 59 -19.68 10.18 -3.90
CA ILE A 59 -20.78 11.02 -3.42
C ILE A 59 -21.87 10.11 -2.83
N THR A 60 -22.95 10.70 -2.32
CA THR A 60 -24.07 9.93 -1.79
C THR A 60 -24.48 8.82 -2.77
N HIS A 61 -24.75 7.65 -2.24
CA HIS A 61 -25.08 6.44 -2.99
C HIS A 61 -23.92 5.72 -3.61
N GLN A 62 -22.79 6.37 -3.71
CA GLN A 62 -21.57 5.69 -4.15
C GLN A 62 -20.91 5.15 -2.89
N ASN A 63 -21.43 4.03 -2.40
CA ASN A 63 -21.09 3.53 -1.05
C ASN A 63 -20.09 2.39 -1.01
N THR A 64 -19.56 2.01 -2.17
CA THR A 64 -18.57 0.95 -2.17
C THR A 64 -17.18 1.57 -2.36
N LEU A 65 -16.15 0.85 -1.92
CA LEU A 65 -14.77 1.30 -2.18
C LEU A 65 -14.44 1.07 -3.64
N GLN A 66 -14.12 2.15 -4.33
CA GLN A 66 -13.72 2.09 -5.73
C GLN A 66 -12.52 2.97 -5.92
N TRP A 67 -11.73 2.69 -6.97
CA TRP A 67 -10.66 3.56 -7.40
C TRP A 67 -11.20 4.74 -8.18
N ARG A 68 -10.90 5.94 -7.71
CA ARG A 68 -11.42 7.17 -8.30
C ARG A 68 -10.33 8.23 -8.36
N CYS A 69 -10.45 9.12 -9.35
CA CYS A 69 -9.49 10.21 -9.56
C CYS A 69 -10.08 11.44 -8.89
N PHE A 70 -9.46 11.87 -7.80
CA PHE A 70 -10.01 12.96 -6.97
C PHE A 70 -9.24 14.26 -7.17
N ASP A 71 -9.99 15.35 -7.23
CA ASP A 71 -9.45 16.70 -7.06
C ASP A 71 -9.20 16.88 -5.57
N THR A 72 -7.94 17.03 -5.20
CA THR A 72 -7.54 17.21 -3.78
C THR A 72 -8.19 18.43 -3.10
N ALA A 73 -8.50 19.46 -3.87
CA ALA A 73 -9.18 20.64 -3.35
C ALA A 73 -10.59 20.33 -2.84
N SER A 74 -11.19 19.23 -3.31
CA SER A 74 -12.53 18.83 -2.87
C SER A 74 -12.52 17.83 -1.72
N LEU A 75 -11.34 17.35 -1.33
CA LEU A 75 -11.22 16.38 -0.25
C LEU A 75 -11.26 17.09 1.11
N LEU A 76 -11.82 16.48 2.08
CA LEU A 76 -11.73 17.01 3.46
C LEU A 76 -10.36 16.66 4.08
N GLU A 77 -9.95 17.48 5.06
CA GLU A 77 -8.66 17.30 5.75
C GLU A 77 -8.68 16.04 6.64
N SER A 78 -9.84 15.66 7.11
CA SER A 78 -9.96 14.44 7.92
C SER A 78 -11.27 13.72 7.59
N ASN A 79 -11.43 12.48 8.03
CA ASN A 79 -12.71 11.84 7.88
C ASN A 79 -13.51 11.66 9.19
N ASN A 83 -15.78 7.44 5.44
CA ASN A 83 -15.53 8.25 4.25
C ASN A 83 -14.06 8.65 4.10
N GLY A 84 -13.18 7.91 4.75
CA GLY A 84 -11.73 8.11 4.60
C GLY A 84 -11.32 7.73 3.19
N VAL A 85 -10.16 8.19 2.77
CA VAL A 85 -9.61 7.78 1.49
C VAL A 85 -8.47 6.79 1.71
N ASN A 86 -8.25 5.90 0.77
CA ASN A 86 -7.18 4.93 0.87
C ASN A 86 -6.18 5.06 -0.27
N CYS A 87 -4.91 4.87 0.06
CA CYS A 87 -3.84 4.78 -0.93
CA CYS A 87 -3.85 4.79 -0.91
C CYS A 87 -3.46 3.31 -1.04
N VAL A 88 -2.50 2.99 -1.89
CA VAL A 88 -2.18 1.57 -2.11
C VAL A 88 -0.69 1.27 -1.90
N ASP A 89 -0.37 0.17 -1.22
CA ASP A 89 1.04 -0.23 -1.09
C ASP A 89 1.49 -0.98 -2.36
N ASP A 90 2.78 -1.30 -2.45
CA ASP A 90 3.30 -1.95 -3.66
C ASP A 90 3.03 -3.45 -3.78
N CYS A 91 2.26 -3.99 -2.83
CA CYS A 91 1.68 -5.31 -2.98
C CYS A 91 0.18 -5.22 -3.28
N GLY A 92 -0.28 -4.00 -3.58
CA GLY A 92 -1.67 -3.79 -4.05
C GLY A 92 -2.73 -3.72 -2.96
N HIS A 93 -2.31 -3.49 -1.71
CA HIS A 93 -3.28 -3.37 -0.61
C HIS A 93 -3.64 -1.94 -0.28
N THR A 94 -4.94 -1.69 -0.12
CA THR A 94 -5.44 -0.34 0.17
C THR A 94 -5.40 -0.05 1.66
N ILE A 95 -4.90 1.13 1.99
CA ILE A 95 -4.54 1.51 3.36
C ILE A 95 -4.92 2.98 3.52
N PRO A 96 -5.56 3.33 4.64
CA PRO A 96 -5.95 4.72 4.90
C PRO A 96 -4.82 5.72 4.71
N CYS A 97 -5.12 6.77 3.94
CA CYS A 97 -4.26 7.91 3.65
CA CYS A 97 -4.18 7.87 3.87
C CYS A 97 -4.92 9.17 4.21
N PRO A 98 -4.18 10.29 4.34
CA PRO A 98 -4.83 11.49 4.89
C PRO A 98 -6.01 12.00 4.06
N GLY A 99 -7.12 12.32 4.73
CA GLY A 99 -8.23 12.98 4.06
C GLY A 99 -9.54 12.22 4.08
N GLY A 100 -10.58 12.90 3.64
CA GLY A 100 -11.91 12.33 3.67
C GLY A 100 -12.68 12.78 2.45
N VAL A 101 -13.66 11.99 2.05
CA VAL A 101 -14.53 12.33 0.93
C VAL A 101 -15.66 13.24 1.41
N HIS A 102 -15.90 14.33 0.70
CA HIS A 102 -17.08 15.15 0.97
C HIS A 102 -18.23 14.55 0.18
N ARG A 103 -19.18 13.92 0.88
CA ARG A 103 -20.20 13.08 0.22
C ARG A 103 -21.15 13.86 -0.68
N GLN A 104 -21.22 15.18 -0.50
CA GLN A 104 -22.05 16.00 -1.38
C GLN A 104 -21.20 16.70 -2.44
N ASN A 105 -20.02 17.16 -2.04
CA ASN A 105 -19.24 18.10 -2.85
C ASN A 105 -18.02 17.54 -3.55
N SER A 106 -17.81 16.23 -3.46
CA SER A 106 -16.59 15.64 -4.01
C SER A 106 -16.50 15.94 -5.50
N ASN A 107 -15.28 16.23 -5.98
CA ASN A 107 -15.02 16.40 -7.40
C ASN A 107 -14.10 15.25 -7.82
N HIS A 108 -14.67 14.21 -8.42
CA HIS A 108 -13.90 13.00 -8.76
C HIS A 108 -14.45 12.30 -10.00
N ALA A 109 -13.66 11.37 -10.54
CA ALA A 109 -14.07 10.55 -11.66
C ALA A 109 -13.73 9.11 -11.29
N THR A 110 -14.76 8.30 -11.14
CA THR A 110 -14.58 6.88 -10.78
C THR A 110 -14.05 6.12 -11.99
N ARG A 111 -12.91 5.44 -11.79
CA ARG A 111 -12.24 4.76 -12.90
C ARG A 111 -11.72 3.43 -12.40
N HIS A 112 -12.63 2.62 -11.89
CA HIS A 112 -12.24 1.45 -11.13
C HIS A 112 -11.50 0.40 -11.96
N GLU A 113 -11.93 0.18 -13.20
CA GLU A 113 -11.35 -0.87 -14.05
C GLU A 113 -9.90 -0.58 -14.44
N ILE A 114 -9.62 0.60 -14.99
CA ILE A 114 -8.26 0.92 -15.45
C ILE A 114 -7.29 1.00 -14.27
N LEU A 115 -7.75 1.62 -13.18
CA LEU A 115 -6.88 1.79 -12.04
C LEU A 115 -6.63 0.43 -11.36
N SER A 116 -7.66 -0.42 -11.27
CA SER A 116 -7.47 -1.79 -10.76
C SER A 116 -6.48 -2.59 -11.62
N LYS A 117 -6.58 -2.43 -12.94
CA LYS A 117 -5.67 -3.15 -13.84
C LYS A 117 -4.22 -2.70 -13.64
N LEU A 118 -4.02 -1.40 -13.47
CA LEU A 118 -2.68 -0.87 -13.16
C LEU A 118 -2.12 -1.40 -11.83
N VAL A 119 -2.97 -1.54 -10.81
CA VAL A 119 -2.54 -2.14 -9.55
C VAL A 119 -2.06 -3.59 -9.78
N GLU A 120 -2.86 -4.39 -10.48
CA GLU A 120 -2.48 -5.77 -10.81
C GLU A 120 -1.13 -5.85 -11.53
N GLU A 121 -0.93 -5.00 -12.54
CA GLU A 121 0.35 -4.93 -13.26
C GLU A 121 1.50 -4.52 -12.33
N GLY A 122 1.25 -3.53 -11.47
CA GLY A 122 2.24 -3.07 -10.50
C GLY A 122 2.66 -4.10 -9.47
N VAL A 123 1.71 -4.89 -8.97
CA VAL A 123 2.00 -5.94 -7.99
C VAL A 123 3.04 -6.93 -8.52
N GLN A 124 2.89 -7.35 -9.77
CA GLN A 124 3.85 -8.25 -10.41
C GLN A 124 5.27 -7.67 -10.42
N ARG A 125 5.38 -6.39 -10.72
CA ARG A 125 6.66 -5.68 -10.75
C ARG A 125 7.25 -5.43 -9.36
N PHE A 126 6.43 -4.92 -8.43
CA PHE A 126 6.96 -4.32 -7.22
C PHE A 126 6.78 -5.12 -5.92
N CYS A 127 5.93 -6.14 -5.92
CA CYS A 127 5.58 -6.79 -4.65
C CYS A 127 6.59 -7.87 -4.29
N SER A 128 7.29 -7.71 -3.17
CA SER A 128 8.24 -8.72 -2.72
C SER A 128 7.53 -10.07 -2.50
N PRO A 129 8.04 -11.15 -3.13
CA PRO A 129 7.47 -12.48 -2.85
C PRO A 129 7.49 -12.88 -1.36
N TYR A 130 8.45 -12.36 -0.60
CA TYR A 130 8.50 -12.61 0.84
C TYR A 130 7.33 -11.92 1.55
N GLN A 131 7.08 -10.66 1.21
CA GLN A 131 5.94 -9.92 1.76
C GLN A 131 4.61 -10.51 1.29
N ALA A 132 4.56 -10.92 0.02
CA ALA A 132 3.39 -11.58 -0.56
C ALA A 132 2.97 -12.83 0.24
N SER A 133 3.96 -13.66 0.60
CA SER A 133 3.74 -14.85 1.42
C SER A 133 3.20 -14.52 2.81
N ALA A 134 3.82 -13.54 3.47
CA ALA A 134 3.36 -13.02 4.77
C ALA A 134 1.92 -12.47 4.69
N ASN A 135 1.62 -11.76 3.61
CA ASN A 135 0.27 -11.20 3.38
C ASN A 135 -0.76 -12.29 3.16
N LYS A 136 -0.37 -13.31 2.38
CA LYS A 136 -1.24 -14.47 2.10
C LYS A 136 -1.55 -15.25 3.37
N TYR A 137 -0.54 -15.50 4.20
CA TYR A 137 -0.75 -16.15 5.48
C TYR A 137 -1.81 -15.41 6.28
N CYS A 138 -1.64 -14.10 6.40
CA CYS A 138 -2.56 -13.24 7.16
C CYS A 138 -3.97 -13.23 6.59
N ASN A 139 -4.11 -13.11 5.27
CA ASN A 139 -5.44 -13.04 4.65
C ASN A 139 -6.20 -14.38 4.75
N ASP A 140 -5.46 -15.48 4.64
CA ASP A 140 -6.03 -16.83 4.80
C ASP A 140 -6.57 -17.04 6.22
N LYS A 141 -5.81 -16.58 7.21
CA LYS A 141 -6.20 -16.77 8.61
C LYS A 141 -7.23 -15.71 9.06
N PHE A 142 -7.00 -14.46 8.68
CA PHE A 142 -7.87 -13.34 9.06
C PHE A 142 -8.19 -12.52 7.83
N PRO A 143 -9.30 -12.83 7.11
CA PRO A 143 -9.59 -12.18 5.84
C PRO A 143 -9.49 -10.65 5.92
N GLY A 144 -8.80 -10.07 4.94
CA GLY A 144 -8.68 -8.63 4.86
C GLY A 144 -7.41 -8.05 5.47
N THR A 145 -6.70 -8.84 6.29
CA THR A 145 -5.49 -8.35 6.97
C THR A 145 -4.23 -8.42 6.10
N ILE A 146 -3.23 -7.62 6.45
CA ILE A 146 -1.92 -7.68 5.82
C ILE A 146 -0.84 -7.72 6.91
N ALA A 147 0.36 -8.16 6.54
CA ALA A 147 1.44 -8.35 7.51
C ALA A 147 2.34 -7.12 7.59
N ARG A 148 2.66 -6.72 8.82
CA ARG A 148 3.72 -5.73 9.10
C ARG A 148 4.37 -6.12 10.40
N ARG A 149 5.61 -5.69 10.61
CA ARG A 149 6.23 -5.79 11.93
C ARG A 149 6.16 -4.40 12.53
N SER A 150 5.17 -4.18 13.39
CA SER A 150 4.85 -2.81 13.82
C SER A 150 4.24 -2.81 15.22
N LYS A 151 3.69 -1.67 15.64
CA LYS A 151 3.23 -1.50 17.02
C LYS A 151 1.85 -2.15 17.25
N GLY A 152 1.57 -2.45 18.52
CA GLY A 152 0.26 -2.97 18.94
C GLY A 152 -0.51 -1.88 19.66
N PHE A 153 -1.36 -2.28 20.59
CA PHE A 153 -2.25 -1.33 21.25
C PHE A 153 -1.59 -0.69 22.46
N GLY A 154 -1.52 0.64 22.50
CA GLY A 154 -1.05 1.33 23.72
C GLY A 154 0.39 1.04 24.10
N ASN A 155 1.24 0.91 23.09
CA ASN A 155 2.68 0.71 23.27
C ASN A 155 3.34 1.21 21.99
N ASN A 156 3.99 2.37 22.06
CA ASN A 156 4.59 2.96 20.86
C ASN A 156 6.06 2.57 20.65
N VAL A 157 6.53 1.56 21.38
CA VAL A 157 7.91 1.05 21.23
C VAL A 157 7.97 -0.34 20.58
N GLU A 158 7.27 -1.31 21.16
CA GLU A 158 7.43 -2.72 20.78
C GLU A 158 6.87 -3.02 19.40
N VAL A 159 7.68 -3.69 18.57
CA VAL A 159 7.20 -4.17 17.27
C VAL A 159 7.16 -5.69 17.27
N ALA A 160 6.26 -6.25 16.46
CA ALA A 160 6.15 -7.70 16.27
C ALA A 160 5.42 -7.91 14.95
N TRP A 161 5.59 -9.09 14.35
CA TRP A 161 4.87 -9.44 13.14
C TRP A 161 3.42 -9.74 13.50
N ARG A 162 2.52 -8.98 12.88
CA ARG A 162 1.09 -9.10 13.15
C ARG A 162 0.33 -9.00 11.85
N CYS A 163 -0.87 -9.61 11.85
CA CYS A 163 -1.82 -9.45 10.76
C CYS A 163 -2.70 -8.29 11.12
N TYR A 164 -2.59 -7.20 10.37
CA TYR A 164 -3.28 -5.95 10.67
C TYR A 164 -4.52 -5.76 9.80
N GLU A 165 -5.63 -5.37 10.42
CA GLU A 165 -6.78 -4.93 9.64
C GLU A 165 -6.35 -3.65 8.96
N LYS A 166 -6.56 -3.56 7.65
CA LYS A 166 -6.00 -2.47 6.85
C LYS A 166 -6.48 -1.10 7.30
N ALA A 167 -7.73 -1.03 7.75
CA ALA A 167 -8.35 0.20 8.28
C ALA A 167 -7.61 0.77 9.50
N SER A 168 -6.86 -0.09 10.19
CA SER A 168 -6.13 0.32 11.39
C SER A 168 -4.73 0.88 11.08
N LEU A 169 -4.32 0.81 9.81
CA LEU A 169 -2.98 1.26 9.41
C LEU A 169 -2.99 2.67 8.87
N LEU A 170 -1.82 3.32 8.95
CA LEU A 170 -1.63 4.66 8.45
C LEU A 170 -0.60 4.63 7.33
N TYR A 171 -1.03 5.04 6.14
CA TYR A 171 -0.18 5.01 4.96
C TYR A 171 1.01 5.92 5.14
N SER A 172 0.82 7.04 5.83
CA SER A 172 1.89 8.01 6.07
C SER A 172 2.96 7.51 7.07
N VAL A 173 2.66 6.43 7.79
CA VAL A 173 3.64 5.83 8.74
C VAL A 173 4.27 4.59 8.11
N TYR A 174 5.59 4.63 7.94
CA TYR A 174 6.30 3.47 7.40
C TYR A 174 6.54 2.46 8.51
N ALA A 175 6.40 1.18 8.21
CA ALA A 175 6.61 0.15 9.21
C ALA A 175 7.35 -0.98 8.53
N GLU A 176 8.03 -1.81 9.32
CA GLU A 176 8.81 -2.90 8.77
C GLU A 176 7.98 -3.88 7.95
N CYS A 177 8.53 -4.27 6.80
CA CYS A 177 7.96 -5.30 5.93
C CYS A 177 9.13 -6.11 5.35
N ALA A 178 8.84 -7.11 4.54
CA ALA A 178 9.89 -8.03 4.07
C ALA A 178 10.39 -7.61 2.69
N SER A 179 11.69 -7.44 2.54
CA SER A 179 12.25 -7.16 1.22
C SER A 179 12.16 -8.35 0.29
N ASN A 180 12.52 -8.14 -0.96
CA ASN A 180 12.55 -9.22 -1.93
C ASN A 180 13.80 -10.13 -1.81
N CYS A 181 14.57 -9.93 -0.73
CA CYS A 181 15.55 -10.92 -0.28
C CYS A 181 15.20 -11.54 1.09
N GLY A 182 14.00 -11.27 1.60
CA GLY A 182 13.61 -11.73 2.94
C GLY A 182 14.42 -11.04 4.04
N THR A 183 14.76 -9.78 3.80
CA THR A 183 15.55 -8.98 4.75
C THR A 183 14.75 -7.74 5.16
N THR A 184 15.26 -6.99 6.12
CA THR A 184 14.57 -5.81 6.66
C THR A 184 14.22 -4.80 5.55
N TRP A 185 12.97 -4.32 5.54
CA TRP A 185 12.50 -3.31 4.58
C TRP A 185 11.43 -2.50 5.29
N TYR A 186 11.07 -1.33 4.75
CA TYR A 186 10.01 -0.46 5.34
C TYR A 186 8.97 -0.07 4.28
N CYS A 187 7.70 -0.13 4.67
CA CYS A 187 6.59 0.03 3.72
C CYS A 187 5.60 1.03 4.29
N PRO A 188 4.89 1.78 3.41
CA PRO A 188 3.81 2.61 3.95
C PRO A 188 2.74 1.69 4.56
N GLY A 189 2.07 2.17 5.61
CA GLY A 189 1.06 1.37 6.27
C GLY A 189 1.60 0.84 7.59
N GLY A 190 1.50 1.67 8.62
CA GLY A 190 2.07 1.36 9.91
C GLY A 190 1.19 1.84 11.04
N ARG A 191 1.63 1.57 12.27
CA ARG A 191 0.92 1.93 13.48
C ARG A 191 1.76 2.89 14.31
N ARG A 192 1.09 3.74 15.09
CA ARG A 192 1.77 4.64 16.01
C ARG A 192 1.88 4.07 17.42
N GLY A 193 1.16 2.99 17.71
CA GLY A 193 1.17 2.42 19.06
C GLY A 193 0.31 3.20 20.03
N THR A 194 -0.64 3.97 19.49
CA THR A 194 -1.58 4.74 20.30
C THR A 194 -2.65 3.85 20.92
N SER A 195 -3.54 4.45 21.69
CA SER A 195 -4.55 3.71 22.39
C SER A 195 -5.96 4.04 21.91
N THR A 196 -6.19 4.05 20.62
CA THR A 196 -7.54 4.20 20.07
C THR A 196 -8.12 2.82 19.81
N GLU A 197 -9.43 2.74 19.54
CA GLU A 197 -10.06 1.46 19.26
C GLU A 197 -9.45 0.78 18.05
N LEU A 198 -9.14 1.58 17.01
CA LEU A 198 -8.47 1.06 15.81
C LEU A 198 -7.14 0.36 16.12
N ASP A 199 -6.44 0.84 17.15
CA ASP A 199 -5.15 0.28 17.57
C ASP A 199 -5.22 -1.16 18.09
N LYS A 200 -6.43 -1.67 18.28
CA LYS A 200 -6.65 -3.06 18.71
C LYS A 200 -6.82 -4.04 17.54
N ARG A 201 -7.00 -3.50 16.33
CA ARG A 201 -7.47 -4.30 15.19
C ARG A 201 -6.33 -5.01 14.47
N HIS A 202 -5.78 -6.02 15.13
CA HIS A 202 -4.66 -6.80 14.62
C HIS A 202 -4.60 -8.13 15.35
N TYR A 203 -3.79 -9.04 14.83
CA TYR A 203 -3.60 -10.35 15.42
C TYR A 203 -2.11 -10.68 15.34
N THR A 204 -1.45 -10.66 16.49
CA THR A 204 -0.02 -10.94 16.56
C THR A 204 0.25 -12.41 16.19
N GLU A 205 1.14 -12.63 15.23
CA GLU A 205 1.37 -13.96 14.69
C GLU A 205 2.84 -14.15 14.33
N GLU A 206 3.71 -14.04 15.33
CA GLU A 206 5.15 -14.08 15.11
C GLU A 206 5.60 -15.36 14.42
N GLU A 207 5.17 -16.51 14.95
CA GLU A 207 5.59 -17.81 14.43
C GLU A 207 5.04 -18.09 13.03
N GLY A 208 3.74 -17.84 12.85
CA GLY A 208 3.08 -18.06 11.57
C GLY A 208 3.58 -17.15 10.46
N ILE A 209 3.84 -15.89 10.77
CA ILE A 209 4.35 -14.97 9.73
C ILE A 209 5.81 -15.28 9.37
N ARG A 210 6.63 -15.52 10.39
CA ARG A 210 8.03 -15.88 10.16
C ARG A 210 8.17 -17.16 9.34
N GLN A 211 7.31 -18.14 9.60
CA GLN A 211 7.30 -19.38 8.83
C GLN A 211 6.91 -19.12 7.38
N ALA A 212 5.90 -18.27 7.18
CA ALA A 212 5.47 -17.90 5.83
C ALA A 212 6.60 -17.23 5.04
N ILE A 213 7.35 -16.36 5.70
CA ILE A 213 8.48 -15.65 5.08
C ILE A 213 9.62 -16.64 4.75
N GLY A 214 9.93 -17.55 5.69
CA GLY A 214 11.01 -18.53 5.52
C GLY A 214 10.70 -19.62 4.50
N SER A 215 9.43 -19.75 4.13
CA SER A 215 8.98 -20.76 3.17
C SER A 215 9.21 -20.33 1.72
N VAL A 216 9.54 -19.06 1.50
CA VAL A 216 9.71 -18.53 0.15
C VAL A 216 11.07 -18.95 -0.42
N ASP A 217 11.08 -19.45 -1.66
CA ASP A 217 12.33 -19.81 -2.32
C ASP A 217 13.09 -18.55 -2.76
N SER A 218 14.40 -18.53 -2.51
CA SER A 218 15.25 -17.42 -2.93
C SER A 218 15.24 -17.18 -4.43
N PRO A 219 15.22 -15.91 -4.85
CA PRO A 219 15.41 -15.57 -6.26
C PRO A 219 16.85 -15.80 -6.72
N CYS A 220 17.76 -16.04 -5.77
CA CYS A 220 19.18 -16.26 -6.06
C CYS A 220 19.55 -17.69 -5.73
N SER A 221 20.65 -18.15 -6.33
CA SER A 221 21.17 -19.48 -6.03
C SER A 221 21.84 -19.48 -4.66
N GLU A 222 22.20 -20.67 -4.19
CA GLU A 222 22.92 -20.84 -2.93
C GLU A 222 24.33 -20.27 -3.04
N VAL A 223 24.77 -19.97 -4.25
CA VAL A 223 26.11 -19.44 -4.46
C VAL A 223 26.07 -17.95 -4.86
N GLU A 224 25.03 -17.26 -4.41
CA GLU A 224 24.86 -15.84 -4.70
C GLU A 224 24.36 -15.09 -3.44
N VAL A 225 24.74 -13.82 -3.36
CA VAL A 225 24.27 -12.95 -2.30
C VAL A 225 23.12 -12.12 -2.86
N CYS A 226 22.01 -12.13 -2.14
CA CYS A 226 20.81 -11.40 -2.52
C CYS A 226 20.87 -9.98 -1.95
N LEU A 227 20.88 -9.00 -2.85
CA LEU A 227 20.80 -7.59 -2.46
C LEU A 227 19.44 -7.05 -2.88
N PRO A 228 18.59 -6.68 -1.90
CA PRO A 228 17.20 -6.33 -2.20
C PRO A 228 17.09 -5.02 -2.95
N LYS A 229 16.01 -4.91 -3.74
CA LYS A 229 15.69 -3.72 -4.52
C LYS A 229 14.21 -3.41 -4.37
N ASP A 230 13.81 -2.17 -4.69
CA ASP A 230 12.42 -1.75 -4.57
C ASP A 230 11.54 -2.23 -5.74
N GLU A 231 12.13 -3.04 -6.63
CA GLU A 231 11.41 -3.71 -7.72
C GLU A 231 12.00 -5.13 -7.88
N ASN A 232 11.18 -6.07 -8.35
CA ASN A 232 11.63 -7.42 -8.64
C ASN A 232 12.35 -7.44 -10.00
N PRO A 233 13.40 -8.28 -10.15
CA PRO A 233 13.97 -9.11 -9.09
C PRO A 233 15.07 -8.36 -8.30
N PRO A 234 15.51 -8.90 -7.15
CA PRO A 234 16.64 -8.29 -6.46
C PRO A 234 17.94 -8.54 -7.22
N LEU A 235 19.04 -7.96 -6.75
CA LEU A 235 20.34 -8.27 -7.30
C LEU A 235 20.88 -9.58 -6.72
N CYS A 236 21.34 -10.48 -7.58
CA CYS A 236 22.01 -11.69 -7.13
C CYS A 236 23.47 -11.63 -7.59
N LEU A 237 24.35 -11.41 -6.65
CA LEU A 237 25.77 -11.27 -6.93
C LEU A 237 26.49 -12.55 -6.63
N ASP A 238 27.38 -12.98 -7.51
CA ASP A 238 28.23 -14.14 -7.26
C ASP A 238 28.92 -13.95 -5.93
N GLU A 239 28.80 -14.95 -5.08
CA GLU A 239 29.44 -14.95 -3.78
C GLU A 239 30.95 -14.78 -3.96
N SER A 240 31.58 -14.12 -3.01
CA SER A 240 33.03 -13.91 -3.04
C SER A 240 33.73 -15.25 -2.80
N GLY A 241 34.76 -15.51 -3.61
CA GLY A 241 35.54 -16.72 -3.47
C GLY A 241 36.44 -16.74 -2.24
N GLN A 242 37.01 -17.89 -1.93
CA GLN A 242 38.10 -18.00 -0.99
C GLN A 242 39.39 -17.44 -1.59
N ILE A 243 39.40 -16.16 -1.85
CA ILE A 243 40.50 -15.47 -2.51
C ILE A 243 41.66 -15.20 -1.55
#